data_1UNF
#
_entry.id   1UNF
#
_cell.length_a   81.985
_cell.length_b   48.163
_cell.length_c   63.671
_cell.angle_alpha   90.00
_cell.angle_beta   119.76
_cell.angle_gamma   90.00
#
_symmetry.space_group_name_H-M   'C 1 2 1'
#
loop_
_entity.id
_entity.type
_entity.pdbx_description
1 polymer 'IRON SUPEROXIDE DISMUTASE'
2 non-polymer 'FE (III) ION'
3 water water
#
_entity_poly.entity_id   1
_entity_poly.type   'polypeptide(L)'
_entity_poly.pdbx_seq_one_letter_code
;NVAGINLLFKEGPKVNAKFELKPPPYPLNGLEPVMSQQTLEFHWGKHHRTYVENLKKQVVGTELDGKSLEEIIVTAYNKG
DILPAFNNAAQVWNHDFFWECMKPGGGGKPSGELLELIERDFGSFEKFLDEFKAAAATQFGSGWAWLAYKASKLDGENAA
NPPSADEDNKLVVIKSPNAVNPLVWGGYYPLLTIDVWEHAYYLDFQNRRPDYISVFMDKLVSWDAVSSRLEQAKALSA
;
_entity_poly.pdbx_strand_id   X
#
# COMPACT_ATOMS: atom_id res chain seq x y z
N LYS A 14 -3.36 6.46 15.52
CA LYS A 14 -3.36 4.98 15.36
C LYS A 14 -4.60 4.29 15.97
N VAL A 15 -4.63 4.17 17.30
CA VAL A 15 -5.52 3.24 18.02
C VAL A 15 -7.01 3.16 17.64
N ASN A 16 -7.63 2.05 18.03
CA ASN A 16 -9.02 1.71 17.71
C ASN A 16 -10.13 2.13 18.68
N ALA A 17 -10.18 3.41 19.04
CA ALA A 17 -11.11 3.92 20.07
C ALA A 17 -12.50 4.16 19.46
N LYS A 18 -12.95 5.42 19.44
CA LYS A 18 -13.68 5.82 18.26
C LYS A 18 -12.92 6.39 17.08
N PHE A 19 -12.24 5.40 16.55
CA PHE A 19 -11.56 5.36 15.32
C PHE A 19 -12.57 5.75 14.24
N GLU A 20 -12.15 6.61 13.32
CA GLU A 20 -13.00 6.95 12.18
C GLU A 20 -12.19 6.75 10.90
N LEU A 21 -12.88 6.55 9.78
CA LEU A 21 -12.27 6.54 8.46
C LEU A 21 -11.51 7.81 8.17
N LYS A 22 -10.26 7.66 7.81
CA LYS A 22 -9.40 8.79 7.46
C LYS A 22 -9.60 9.13 5.98
N PRO A 23 -9.91 10.40 5.65
CA PRO A 23 -10.06 10.77 4.26
C PRO A 23 -8.72 10.71 3.54
N PRO A 24 -8.76 10.65 2.20
CA PRO A 24 -7.53 10.71 1.43
C PRO A 24 -6.95 12.13 1.59
N PRO A 25 -5.65 12.32 1.34
CA PRO A 25 -5.07 13.67 1.50
C PRO A 25 -5.35 14.66 0.36
N TYR A 26 -6.46 14.45 -0.33
CA TYR A 26 -6.91 15.29 -1.44
C TYR A 26 -8.40 15.10 -1.60
N PRO A 27 -9.06 16.05 -2.27
CA PRO A 27 -10.48 15.94 -2.54
C PRO A 27 -10.77 14.71 -3.42
N LEU A 28 -12.00 14.20 -3.34
CA LEU A 28 -12.35 12.97 -4.08
C LEU A 28 -12.30 13.17 -5.58
N ASN A 29 -12.33 14.42 -6.05
CA ASN A 29 -12.04 14.62 -7.47
C ASN A 29 -10.59 15.03 -7.73
N GLY A 30 -9.72 14.83 -6.74
CA GLY A 30 -8.35 15.34 -6.83
C GLY A 30 -7.52 14.63 -7.86
N LEU A 31 -7.96 13.44 -8.27
CA LEU A 31 -7.12 12.63 -9.13
C LEU A 31 -7.63 12.53 -10.56
N GLU A 32 -8.72 13.27 -10.86
CA GLU A 32 -9.25 13.41 -12.23
C GLU A 32 -8.20 13.96 -13.21
N PRO A 33 -8.20 13.47 -14.47
CA PRO A 33 -9.15 12.50 -14.94
C PRO A 33 -8.64 11.06 -14.83
N VAL A 34 -7.51 10.85 -14.14
CA VAL A 34 -6.83 9.56 -14.16
C VAL A 34 -7.49 8.52 -13.25
N MET A 35 -7.85 8.94 -12.05
CA MET A 35 -8.70 8.10 -11.18
C MET A 35 -9.94 8.92 -10.90
N SER A 36 -11.10 8.41 -11.30
CA SER A 36 -12.33 9.21 -11.28
C SER A 36 -12.83 9.49 -9.88
N GLN A 37 -13.56 10.59 -9.71
CA GLN A 37 -14.24 10.87 -8.47
C GLN A 37 -15.14 9.70 -8.08
N GLN A 38 -15.75 9.08 -9.08
CA GLN A 38 -16.64 7.96 -8.89
C GLN A 38 -15.86 6.83 -8.20
N THR A 39 -14.68 6.53 -8.74
CA THR A 39 -13.82 5.52 -8.12
C THR A 39 -13.48 5.83 -6.67
N LEU A 40 -13.05 7.05 -6.40
CA LEU A 40 -12.84 7.49 -5.03
C LEU A 40 -14.07 7.33 -4.16
N GLU A 41 -15.23 7.76 -4.65
CA GLU A 41 -16.46 7.70 -3.87
C GLU A 41 -16.81 6.26 -3.48
N PHE A 42 -16.64 5.33 -4.43
CA PHE A 42 -16.83 3.91 -4.10
C PHE A 42 -15.71 3.34 -3.24
N HIS A 43 -14.48 3.58 -3.68
CA HIS A 43 -13.34 2.82 -3.15
C HIS A 43 -13.08 3.27 -1.70
N TRP A 44 -12.97 4.56 -1.50
CA TRP A 44 -12.88 5.14 -0.16
C TRP A 44 -14.23 5.18 0.61
N GLY A 45 -15.23 5.79 -0.01
CA GLY A 45 -16.50 6.05 0.69
C GLY A 45 -17.36 4.82 0.97
N LYS A 46 -17.14 3.76 0.18
CA LYS A 46 -17.87 2.51 0.43
C LYS A 46 -16.97 1.39 0.93
N HIS A 47 -16.03 0.91 0.11
CA HIS A 47 -15.18 -0.23 0.47
C HIS A 47 -14.34 0.05 1.73
N HIS A 48 -13.59 1.14 1.69
CA HIS A 48 -12.69 1.50 2.78
C HIS A 48 -13.53 1.77 4.03
N ARG A 49 -14.57 2.60 3.89
CA ARG A 49 -15.51 2.86 5.00
C ARG A 49 -16.03 1.57 5.62
N THR A 50 -16.36 0.60 4.78
CA THR A 50 -16.92 -0.66 5.29
C THR A 50 -15.93 -1.47 6.10
N TYR A 51 -14.70 -1.59 5.61
CA TYR A 51 -13.62 -2.18 6.38
C TYR A 51 -13.50 -1.52 7.77
N VAL A 52 -13.60 -0.20 7.82
CA VAL A 52 -13.47 0.55 9.08
C VAL A 52 -14.64 0.16 10.01
N GLU A 53 -15.86 0.21 9.49
CA GLU A 53 -17.04 -0.08 10.30
C GLU A 53 -17.04 -1.51 10.84
N ASN A 54 -16.71 -2.47 9.99
CA ASN A 54 -16.65 -3.85 10.41
C ASN A 54 -15.50 -4.09 11.36
N LEU A 55 -14.36 -3.45 11.14
CA LEU A 55 -13.27 -3.65 12.08
C LEU A 55 -13.72 -3.17 13.46
N LYS A 56 -14.31 -1.98 13.51
CA LYS A 56 -14.78 -1.44 14.78
C LYS A 56 -15.75 -2.41 15.49
N LYS A 57 -16.61 -3.10 14.74
CA LYS A 57 -17.56 -4.08 15.32
C LYS A 57 -16.82 -5.28 15.91
N GLN A 58 -15.82 -5.77 15.19
CA GLN A 58 -15.01 -6.88 15.69
C GLN A 58 -14.14 -6.45 16.87
N VAL A 59 -13.69 -5.20 16.85
CA VAL A 59 -12.80 -4.70 17.89
C VAL A 59 -13.55 -3.91 18.96
N THR A 62 -13.60 -5.99 23.33
CA THR A 62 -12.61 -6.96 22.83
C THR A 62 -11.26 -6.70 23.45
N GLU A 63 -10.43 -7.75 23.49
CA GLU A 63 -9.02 -7.62 23.89
C GLU A 63 -8.23 -6.78 22.89
N LEU A 64 -8.83 -6.47 21.73
CA LEU A 64 -8.12 -5.72 20.69
C LEU A 64 -8.43 -4.23 20.81
N ASP A 65 -9.48 -3.92 21.55
CA ASP A 65 -9.94 -2.56 21.73
C ASP A 65 -8.80 -1.65 22.20
N GLY A 66 -8.56 -0.59 21.46
CA GLY A 66 -7.51 0.37 21.82
C GLY A 66 -6.12 -0.08 21.44
N LYS A 67 -6.01 -1.20 20.73
CA LYS A 67 -4.72 -1.58 20.18
C LYS A 67 -4.52 -0.81 18.88
N SER A 68 -3.28 -0.75 18.42
CA SER A 68 -3.01 -0.06 17.18
C SER A 68 -3.39 -0.95 15.98
N LEU A 69 -3.62 -0.30 14.85
CA LEU A 69 -4.06 -0.97 13.65
C LEU A 69 -3.00 -2.01 13.32
N GLU A 70 -1.73 -1.60 13.39
CA GLU A 70 -0.65 -2.50 13.03
C GLU A 70 -0.53 -3.64 14.04
N GLU A 71 -0.82 -3.38 15.32
CA GLU A 71 -0.71 -4.48 16.24
C GLU A 71 -1.78 -5.51 15.96
N ILE A 72 -3.00 -5.04 15.72
CA ILE A 72 -4.10 -5.95 15.38
C ILE A 72 -3.75 -6.79 14.14
N ILE A 73 -3.25 -6.13 13.10
CA ILE A 73 -2.81 -6.81 11.91
C ILE A 73 -1.78 -7.93 12.14
N VAL A 74 -0.69 -7.65 12.85
CA VAL A 74 0.34 -8.69 13.04
C VAL A 74 -0.15 -9.88 13.85
N THR A 75 -0.92 -9.63 14.91
CA THR A 75 -1.48 -10.70 15.73
C THR A 75 -2.51 -11.56 14.98
N ALA A 76 -3.53 -10.92 14.43
CA ALA A 76 -4.56 -11.61 13.65
C ALA A 76 -4.03 -12.39 12.41
N TYR A 77 -2.88 -12.01 11.86
CA TYR A 77 -2.30 -12.78 10.74
C TYR A 77 -2.04 -14.23 11.16
N ASN A 78 -1.58 -14.39 12.40
CA ASN A 78 -1.43 -15.71 13.01
C ASN A 78 -0.69 -16.70 12.12
N LYS A 79 0.52 -16.31 11.72
CA LYS A 79 1.37 -17.09 10.82
C LYS A 79 0.66 -17.52 9.52
N GLY A 80 -0.47 -16.90 9.23
CA GLY A 80 -1.18 -17.21 8.00
C GLY A 80 -2.48 -17.95 8.27
N ASP A 81 -2.74 -18.29 9.53
CA ASP A 81 -3.99 -18.95 9.93
C ASP A 81 -4.86 -17.86 10.53
N ILE A 82 -5.31 -16.96 9.66
CA ILE A 82 -5.74 -15.65 10.10
C ILE A 82 -6.95 -15.67 11.03
N LEU A 83 -6.97 -14.71 11.96
CA LEU A 83 -8.08 -14.54 12.88
C LEU A 83 -9.08 -13.57 12.23
N PRO A 84 -10.32 -13.53 12.75
CA PRO A 84 -11.42 -12.78 12.11
C PRO A 84 -11.15 -11.31 11.83
N ALA A 85 -10.39 -10.64 12.69
CA ALA A 85 -10.17 -9.21 12.48
C ALA A 85 -9.11 -8.93 11.40
N PHE A 86 -8.37 -9.96 10.98
CA PHE A 86 -7.24 -9.67 10.11
C PHE A 86 -7.65 -8.96 8.81
N ASN A 87 -8.61 -9.54 8.10
CA ASN A 87 -8.97 -8.99 6.81
C ASN A 87 -9.37 -7.55 6.89
N ASN A 88 -10.22 -7.23 7.84
CA ASN A 88 -10.65 -5.86 8.04
C ASN A 88 -9.53 -4.91 8.47
N ALA A 89 -8.71 -5.32 9.44
CA ALA A 89 -7.64 -4.43 9.94
C ALA A 89 -6.62 -4.17 8.84
N ALA A 90 -6.21 -5.23 8.15
CA ALA A 90 -5.19 -5.11 7.13
C ALA A 90 -5.70 -4.23 5.97
N GLN A 91 -6.98 -4.35 5.63
CA GLN A 91 -7.52 -3.58 4.51
C GLN A 91 -7.66 -2.10 4.90
N VAL A 92 -7.99 -1.80 6.15
CA VAL A 92 -8.03 -0.40 6.56
C VAL A 92 -6.65 0.21 6.38
N TRP A 93 -5.65 -0.50 6.88
CA TRP A 93 -4.25 -0.01 6.83
C TRP A 93 -3.78 0.12 5.38
N ASN A 94 -4.00 -0.92 4.58
CA ASN A 94 -3.64 -0.92 3.15
C ASN A 94 -4.25 0.25 2.38
N HIS A 95 -5.52 0.52 2.60
CA HIS A 95 -6.16 1.64 1.93
C HIS A 95 -5.72 2.99 2.46
N ASP A 96 -5.54 3.12 3.78
CA ASP A 96 -4.94 4.38 4.29
C ASP A 96 -3.64 4.62 3.55
N PHE A 97 -2.83 3.57 3.46
CA PHE A 97 -1.49 3.67 2.86
C PHE A 97 -1.57 3.98 1.36
N PHE A 98 -2.55 3.34 0.71
CA PHE A 98 -2.82 3.53 -0.72
C PHE A 98 -3.16 4.99 -1.07
N TRP A 99 -4.06 5.63 -0.31
CA TRP A 99 -4.38 7.03 -0.56
C TRP A 99 -3.13 7.95 -0.39
N GLU A 100 -2.31 7.68 0.62
CA GLU A 100 -1.05 8.39 0.84
C GLU A 100 -0.04 8.19 -0.29
N CYS A 101 -0.19 7.09 -1.04
CA CYS A 101 0.73 6.83 -2.15
C CYS A 101 0.51 7.66 -3.39
N MET A 102 -0.58 8.40 -3.45
CA MET A 102 -0.85 9.14 -4.65
C MET A 102 -0.98 10.62 -4.33
N LYS A 103 -0.90 11.42 -5.38
CA LYS A 103 -1.17 12.86 -5.28
C LYS A 103 -1.63 13.39 -6.62
N PRO A 104 -2.37 14.50 -6.60
CA PRO A 104 -2.69 15.27 -7.78
C PRO A 104 -1.34 15.66 -8.39
N GLY A 105 -1.17 15.45 -9.69
CA GLY A 105 0.08 15.84 -10.38
C GLY A 105 1.25 14.98 -9.94
N GLY A 106 0.98 13.70 -9.69
CA GLY A 106 1.99 12.76 -9.27
C GLY A 106 2.67 12.19 -10.49
N GLY A 107 3.29 11.04 -10.32
CA GLY A 107 3.97 10.46 -11.46
C GLY A 107 5.39 10.97 -11.49
N GLY A 108 6.02 10.81 -12.65
CA GLY A 108 7.41 11.08 -12.88
C GLY A 108 8.32 10.14 -12.12
N LYS A 109 9.52 10.63 -11.81
CA LYS A 109 10.55 9.79 -11.20
C LYS A 109 10.88 10.29 -9.80
N PRO A 110 11.32 9.39 -8.91
CA PRO A 110 11.77 9.86 -7.59
C PRO A 110 13.12 10.60 -7.73
N SER A 111 13.63 11.14 -6.63
CA SER A 111 14.93 11.79 -6.66
C SER A 111 15.65 11.48 -5.38
N GLY A 112 16.84 12.03 -5.20
CA GLY A 112 17.53 11.87 -3.90
C GLY A 112 17.83 10.42 -3.53
N GLU A 113 17.78 10.14 -2.24
CA GLU A 113 18.24 8.86 -1.75
C GLU A 113 17.36 7.74 -2.26
N LEU A 114 16.08 8.05 -2.49
CA LEU A 114 15.18 7.01 -3.01
C LEU A 114 15.59 6.58 -4.41
N LEU A 115 15.84 7.55 -5.29
CA LEU A 115 16.28 7.22 -6.64
C LEU A 115 17.61 6.45 -6.62
N GLU A 116 18.57 6.94 -5.83
CA GLU A 116 19.85 6.27 -5.69
C GLU A 116 19.68 4.79 -5.28
N LEU A 117 18.82 4.52 -4.30
CA LEU A 117 18.66 3.19 -3.75
C LEU A 117 17.98 2.34 -4.83
N ILE A 118 17.03 2.93 -5.55
CA ILE A 118 16.32 2.19 -6.57
C ILE A 118 17.32 1.83 -7.66
N GLU A 119 18.20 2.77 -7.98
CA GLU A 119 19.20 2.49 -9.00
C GLU A 119 20.20 1.46 -8.44
N ARG A 120 20.60 1.62 -7.19
CA ARG A 120 21.46 0.64 -6.52
C ARG A 120 20.89 -0.79 -6.57
N ASP A 121 19.59 -0.94 -6.29
CA ASP A 121 19.00 -2.29 -6.17
C ASP A 121 18.37 -2.87 -7.44
N PHE A 122 17.95 -2.02 -8.39
CA PHE A 122 17.31 -2.50 -9.60
C PHE A 122 18.10 -2.18 -10.88
N GLY A 123 19.24 -1.49 -10.74
CA GLY A 123 20.08 -1.08 -11.88
C GLY A 123 19.66 0.29 -12.39
N SER A 124 18.36 0.47 -12.58
CA SER A 124 17.83 1.71 -13.12
C SER A 124 16.38 1.89 -12.66
N PHE A 125 15.87 3.11 -12.81
CA PHE A 125 14.48 3.34 -12.43
C PHE A 125 13.57 2.57 -13.36
N GLU A 126 13.89 2.60 -14.66
CA GLU A 126 13.08 1.88 -15.63
C GLU A 126 13.01 0.39 -15.34
N LYS A 127 14.13 -0.23 -14.98
CA LYS A 127 14.09 -1.64 -14.57
C LYS A 127 13.19 -1.84 -13.36
N PHE A 128 13.31 -0.96 -12.37
CA PHE A 128 12.43 -1.10 -11.23
C PHE A 128 10.95 -0.97 -11.63
N LEU A 129 10.66 0.04 -12.44
CA LEU A 129 9.28 0.26 -12.92
C LEU A 129 8.73 -1.01 -13.59
N ASP A 130 9.45 -1.57 -14.55
CA ASP A 130 9.00 -2.81 -15.18
C ASP A 130 8.74 -3.93 -14.17
N GLU A 131 9.65 -4.09 -13.21
CA GLU A 131 9.47 -5.13 -12.19
C GLU A 131 8.24 -4.86 -11.33
N PHE A 132 8.03 -3.59 -10.96
CA PHE A 132 6.87 -3.24 -10.14
C PHE A 132 5.55 -3.49 -10.91
N LYS A 133 5.50 -3.00 -12.14
CA LYS A 133 4.34 -3.23 -13.04
C LYS A 133 4.03 -4.71 -13.29
N ALA A 134 5.04 -5.55 -13.51
CA ALA A 134 4.85 -7.00 -13.68
C ALA A 134 4.29 -7.67 -12.42
N ALA A 135 4.80 -7.28 -11.25
CA ALA A 135 4.24 -7.75 -9.98
C ALA A 135 2.76 -7.36 -9.86
N ALA A 136 2.49 -6.08 -10.07
CA ALA A 136 1.09 -5.59 -10.04
C ALA A 136 0.19 -6.35 -11.03
N ALA A 137 0.69 -6.60 -12.23
CA ALA A 137 -0.10 -7.25 -13.30
C ALA A 137 -0.34 -8.74 -13.05
N THR A 138 0.63 -9.40 -12.44
CA THR A 138 0.55 -10.87 -12.35
C THR A 138 -0.02 -11.37 -11.02
N GLN A 139 -0.31 -10.48 -10.09
CA GLN A 139 -1.03 -10.89 -8.88
C GLN A 139 -2.42 -11.39 -9.27
N PHE A 140 -2.67 -12.68 -9.09
CA PHE A 140 -3.89 -13.26 -9.66
C PHE A 140 -5.00 -13.10 -8.63
N GLY A 141 -6.22 -12.77 -9.04
CA GLY A 141 -7.22 -12.48 -8.04
C GLY A 141 -7.00 -11.09 -7.45
N SER A 142 -7.47 -10.91 -6.20
CA SER A 142 -7.34 -9.63 -5.52
C SER A 142 -6.01 -9.55 -4.80
N GLY A 143 -5.50 -8.33 -4.63
CA GLY A 143 -4.30 -8.17 -3.84
C GLY A 143 -3.60 -6.86 -4.12
N TRP A 144 -2.29 -6.85 -3.87
CA TRP A 144 -1.52 -5.60 -3.79
C TRP A 144 -0.17 -5.84 -4.40
N ALA A 145 0.43 -4.81 -4.97
CA ALA A 145 1.87 -4.92 -5.21
C ALA A 145 2.61 -3.88 -4.39
N TRP A 146 3.83 -4.23 -3.98
CA TRP A 146 4.60 -3.41 -3.03
C TRP A 146 6.00 -3.12 -3.48
N LEU A 147 6.48 -1.91 -3.14
CA LEU A 147 7.91 -1.64 -2.96
C LEU A 147 8.10 -1.56 -1.44
N ALA A 148 9.04 -2.33 -0.91
CA ALA A 148 9.29 -2.36 0.53
C ALA A 148 10.79 -2.33 0.75
N TYR A 149 11.21 -1.84 1.91
CA TYR A 149 12.59 -1.87 2.27
C TYR A 149 12.75 -3.10 3.14
N LYS A 150 13.63 -4.00 2.72
CA LYS A 150 13.90 -5.21 3.48
C LYS A 150 15.08 -5.00 4.41
N ALA A 151 14.88 -5.14 5.71
CA ALA A 151 15.94 -4.93 6.69
C ALA A 151 15.71 -5.77 7.95
N SER A 152 16.62 -6.71 8.21
CA SER A 152 16.53 -7.60 9.36
C SER A 152 16.49 -6.84 10.69
N LYS A 153 17.19 -5.71 10.78
CA LYS A 153 17.13 -4.88 11.99
C LYS A 153 15.72 -4.38 12.31
N LEU A 154 14.79 -4.46 11.34
CA LEU A 154 13.40 -4.03 11.58
C LEU A 154 12.61 -4.98 12.47
N ASP A 155 12.90 -6.27 12.37
CA ASP A 155 12.05 -7.28 13.01
C ASP A 155 12.12 -7.23 14.54
N ALA A 165 21.81 -12.12 5.82
CA ALA A 165 22.94 -12.54 4.99
C ALA A 165 23.66 -11.40 4.24
N ASP A 166 23.40 -10.15 4.66
CA ASP A 166 23.93 -8.93 4.02
C ASP A 166 23.12 -8.36 2.85
N GLU A 167 22.20 -9.14 2.31
CA GLU A 167 21.20 -8.57 1.39
C GLU A 167 19.81 -9.03 1.79
N ASP A 168 19.09 -8.31 2.65
CA ASP A 168 19.52 -7.20 3.57
C ASP A 168 19.71 -5.70 3.23
N ASN A 169 18.88 -4.89 3.91
CA ASN A 169 18.92 -3.44 3.79
C ASN A 169 18.83 -3.03 2.37
N LYS A 170 17.74 -3.43 1.73
CA LYS A 170 17.60 -3.18 0.30
C LYS A 170 16.13 -3.19 -0.09
N LEU A 171 15.84 -2.52 -1.19
CA LEU A 171 14.50 -2.48 -1.80
C LEU A 171 14.09 -3.78 -2.45
N VAL A 172 12.84 -4.20 -2.25
CA VAL A 172 12.31 -5.35 -2.93
C VAL A 172 10.92 -5.03 -3.53
N VAL A 173 10.60 -5.65 -4.65
CA VAL A 173 9.22 -5.62 -5.14
C VAL A 173 8.55 -6.92 -4.73
N ILE A 174 7.33 -6.82 -4.16
CA ILE A 174 6.58 -8.00 -3.65
C ILE A 174 5.12 -7.86 -4.06
N LYS A 175 4.49 -8.96 -4.43
CA LYS A 175 3.04 -8.93 -4.62
C LYS A 175 2.46 -9.81 -3.52
N SER A 176 1.25 -9.45 -3.10
CA SER A 176 0.57 -10.12 -2.00
C SER A 176 -0.89 -10.33 -2.36
N PRO A 177 -1.49 -11.43 -1.88
CA PRO A 177 -2.91 -11.69 -2.13
C PRO A 177 -3.84 -10.97 -1.16
N ASN A 178 -5.02 -10.57 -1.63
CA ASN A 178 -6.13 -10.25 -0.74
C ASN A 178 -5.77 -9.06 0.18
N ALA A 179 -5.69 -9.28 1.50
CA ALA A 179 -5.44 -8.16 2.48
C ALA A 179 -3.99 -8.12 3.01
N VAL A 180 -3.22 -9.12 2.61
CA VAL A 180 -1.88 -9.34 3.14
C VAL A 180 -0.99 -8.15 2.81
N ASN A 181 -0.17 -7.73 3.76
CA ASN A 181 0.77 -6.64 3.55
C ASN A 181 2.11 -6.98 4.18
N PRO A 182 3.17 -6.25 3.80
CA PRO A 182 4.48 -6.63 4.31
C PRO A 182 4.65 -6.50 5.82
N LEU A 183 3.72 -5.84 6.50
CA LEU A 183 3.80 -5.83 7.98
C LEU A 183 3.72 -7.20 8.61
N VAL A 184 3.13 -8.18 7.94
CA VAL A 184 2.96 -9.48 8.59
C VAL A 184 4.20 -10.37 8.45
N TRP A 185 5.18 -9.94 7.66
CA TRP A 185 6.31 -10.83 7.39
C TRP A 185 7.33 -11.11 8.53
N GLY A 186 7.87 -10.14 9.27
CA GLY A 186 8.24 -8.84 8.82
C GLY A 186 9.76 -8.78 8.68
N GLY A 187 10.36 -7.65 9.05
CA GLY A 187 11.63 -7.27 8.46
C GLY A 187 11.41 -6.57 7.11
N TYR A 188 10.19 -6.09 6.87
CA TYR A 188 9.90 -5.32 5.66
C TYR A 188 9.19 -4.05 6.03
N TYR A 189 9.62 -2.92 5.44
CA TYR A 189 8.95 -1.67 5.65
C TYR A 189 8.31 -1.24 4.33
N PRO A 190 6.98 -1.21 4.29
CA PRO A 190 6.28 -0.81 3.09
C PRO A 190 6.59 0.65 2.71
N LEU A 191 6.89 0.87 1.44
CA LEU A 191 7.25 2.19 0.91
C LEU A 191 6.21 2.70 -0.10
N LEU A 192 5.67 1.79 -0.90
CA LEU A 192 4.73 2.10 -1.99
C LEU A 192 3.80 0.92 -2.20
N THR A 193 2.55 1.18 -2.46
CA THR A 193 1.61 0.13 -2.86
C THR A 193 0.71 0.59 -4.00
N ILE A 194 0.24 -0.38 -4.78
CA ILE A 194 -0.86 -0.24 -5.70
C ILE A 194 -1.89 -1.34 -5.41
N ASP A 195 -3.13 -0.90 -5.24
CA ASP A 195 -4.25 -1.81 -4.99
C ASP A 195 -4.60 -2.44 -6.32
N VAL A 196 -4.55 -3.78 -6.43
CA VAL A 196 -4.99 -4.44 -7.68
C VAL A 196 -6.29 -5.29 -7.57
N TRP A 197 -6.98 -5.14 -6.43
CA TRP A 197 -8.38 -5.49 -6.40
C TRP A 197 -9.09 -4.82 -7.55
N GLU A 198 -10.03 -5.54 -8.17
CA GLU A 198 -10.72 -4.99 -9.32
C GLU A 198 -11.49 -3.70 -8.99
N HIS A 199 -12.01 -3.59 -7.79
CA HIS A 199 -12.70 -2.33 -7.46
C HIS A 199 -11.82 -1.06 -7.54
N ALA A 200 -10.50 -1.23 -7.40
CA ALA A 200 -9.59 -0.08 -7.48
C ALA A 200 -9.59 0.53 -8.88
N TYR A 201 -9.91 -0.26 -9.90
CA TYR A 201 -9.75 0.20 -11.27
C TYR A 201 -10.91 -0.07 -12.20
N TYR A 202 -11.85 -0.91 -11.76
CA TYR A 202 -12.82 -1.45 -12.72
C TYR A 202 -13.68 -0.36 -13.37
N LEU A 203 -14.05 0.66 -12.60
CA LEU A 203 -14.88 1.75 -13.15
C LEU A 203 -14.16 2.58 -14.23
N ASP A 204 -12.83 2.62 -14.13
CA ASP A 204 -12.01 3.48 -15.00
C ASP A 204 -11.37 2.71 -16.14
N PHE A 205 -10.99 1.47 -15.88
CA PHE A 205 -10.21 0.62 -16.81
C PHE A 205 -10.81 -0.73 -17.13
N GLN A 206 -11.86 -1.11 -16.41
CA GLN A 206 -12.47 -2.45 -16.54
C GLN A 206 -11.38 -3.50 -16.52
N ASN A 207 -11.28 -4.35 -17.54
CA ASN A 207 -10.30 -5.44 -17.48
C ASN A 207 -8.83 -5.00 -17.63
N ARG A 208 -8.61 -3.76 -18.03
CA ARG A 208 -7.26 -3.37 -18.46
C ARG A 208 -6.39 -2.98 -17.26
N ARG A 209 -6.10 -3.96 -16.39
CA ARG A 209 -5.28 -3.75 -15.21
C ARG A 209 -3.84 -3.27 -15.54
N PRO A 210 -3.21 -3.82 -16.58
CA PRO A 210 -1.91 -3.21 -16.94
C PRO A 210 -2.00 -1.70 -17.28
N ASP A 211 -3.03 -1.24 -18.00
CA ASP A 211 -3.12 0.20 -18.28
C ASP A 211 -3.29 1.01 -17.00
N TYR A 212 -4.19 0.55 -16.14
CA TYR A 212 -4.32 1.14 -14.81
C TYR A 212 -2.99 1.28 -14.04
N ILE A 213 -2.20 0.21 -13.99
CA ILE A 213 -0.92 0.20 -13.25
C ILE A 213 0.04 1.22 -13.88
N SER A 214 0.02 1.26 -15.20
CA SER A 214 0.91 2.13 -15.94
C SER A 214 0.61 3.62 -15.66
N VAL A 215 -0.68 3.93 -15.66
CA VAL A 215 -1.18 5.26 -15.41
C VAL A 215 -0.96 5.67 -13.97
N PHE A 216 -1.11 4.70 -13.07
CA PHE A 216 -0.81 4.90 -11.65
C PHE A 216 0.62 5.38 -11.49
N MET A 217 1.54 4.68 -12.14
CA MET A 217 2.94 5.06 -12.02
C MET A 217 3.26 6.35 -12.79
N ASP A 218 2.60 6.56 -13.91
CA ASP A 218 2.92 7.71 -14.76
C ASP A 218 2.34 9.04 -14.24
N LYS A 219 1.22 8.94 -13.53
CA LYS A 219 0.43 10.12 -13.20
C LYS A 219 0.01 10.31 -11.76
N LEU A 220 -0.05 9.21 -11.00
CA LEU A 220 -0.59 9.24 -9.63
C LEU A 220 0.41 9.12 -8.49
N VAL A 221 1.47 8.34 -8.66
CA VAL A 221 2.34 8.02 -7.53
C VAL A 221 2.98 9.26 -6.92
N SER A 222 2.95 9.35 -5.59
CA SER A 222 3.63 10.43 -4.90
C SER A 222 5.00 9.97 -4.43
N TRP A 223 6.02 10.32 -5.18
CA TRP A 223 7.36 9.94 -4.79
C TRP A 223 7.81 10.60 -3.47
N ASP A 224 7.25 11.79 -3.18
CA ASP A 224 7.46 12.44 -1.90
C ASP A 224 7.01 11.53 -0.77
N ALA A 225 5.85 10.90 -0.94
CA ALA A 225 5.37 9.99 0.10
C ALA A 225 6.30 8.81 0.30
N VAL A 226 6.75 8.22 -0.79
CA VAL A 226 7.59 7.04 -0.79
C VAL A 226 8.95 7.39 -0.13
N SER A 227 9.47 8.57 -0.45
CA SER A 227 10.73 9.05 0.11
C SER A 227 10.62 9.24 1.61
N SER A 228 9.49 9.76 2.08
CA SER A 228 9.30 9.91 3.52
C SER A 228 9.33 8.57 4.22
N ARG A 229 8.69 7.58 3.60
CA ARG A 229 8.64 6.25 4.19
C ARG A 229 10.05 5.66 4.24
N LEU A 230 10.80 5.85 3.16
CA LEU A 230 12.16 5.36 3.08
C LEU A 230 13.06 5.93 4.22
N GLU A 231 12.88 7.21 4.55
CA GLU A 231 13.60 7.82 5.67
C GLU A 231 13.24 7.17 7.00
N GLN A 232 11.96 6.89 7.17
CA GLN A 232 11.47 6.23 8.38
C GLN A 232 12.06 4.83 8.41
N ALA A 233 12.02 4.18 7.25
CA ALA A 233 12.51 2.82 7.15
C ALA A 233 14.01 2.73 7.50
N LYS A 234 14.78 3.68 6.98
CA LYS A 234 16.22 3.69 7.25
C LYS A 234 16.46 3.97 8.73
N ALA A 235 15.71 4.92 9.28
CA ALA A 235 15.86 5.28 10.69
C ALA A 235 15.58 4.07 11.58
N LEU A 236 14.53 3.32 11.25
CA LEU A 236 14.12 2.17 12.05
C LEU A 236 15.05 0.95 11.98
N SER A 237 15.87 0.87 10.95
CA SER A 237 16.63 -0.31 10.74
C SER A 237 18.11 -0.03 10.88
N ALA A 238 18.43 1.20 11.32
CA ALA A 238 19.81 1.57 11.59
C ALA A 238 20.35 0.68 12.70
#